data_6ZXQ
#
_entry.id   6ZXQ
#
_cell.length_a   120.706
_cell.length_b   68.362
_cell.length_c   68.828
_cell.angle_alpha   90.000
_cell.angle_beta   121.110
_cell.angle_gamma   90.000
#
_symmetry.space_group_name_H-M   'C 1 2 1'
#
loop_
_entity.id
_entity.type
_entity.pdbx_description
1 polymer 'Adenylosuccinate synthetase'
2 non-polymer HADACIDIN
3 non-polymer "GUANOSINE-5'-DIPHOSPHATE"
4 non-polymer '6-O-PHOSPHORYL INOSINE MONOPHOSPHATE'
5 non-polymer 'MAGNESIUM ION'
6 water water
#
_entity_poly.entity_id   1
_entity_poly.type   'polypeptide(L)'
_entity_poly.pdbx_seq_one_letter_code
;MADVVVGIQWGDEGKGKIVDRIAKDYDFVVRYQGGHNAGHTIVHKGVKHSLHLMPSGVLYPKCKNIISSAVVVSVKDLCE
EISAFEDLENRLFVSDRAHVILPYHAKKDAFKEKSQNIGTTKKGIGPCYEDKMARSGIRMGDLLDDKILEEKLNAHFKAI
EPFKKAYDLGENYEKDLMGYFKTYAPKICPFIKDTTSMLIEANQKGEKILLEGAQGTLLDIDLGTYPFVTSSNTTSASAC
VSTGLNPKAINEVIGITKAYSTRVGNGPFPSEDTTPMGDHLRTKGAEFGTTTKRPRRCGWLDLVALKYACALNGCTQLAL
MKLDVLDGIDAIKVCVAYERKGERLEIFPSDLKDCVPIYQTFKGWEKSVGVRKLDDLEPNVREYIRFIEKEVGVKIRLIS
TSPEREDTIFLLEHHHHHH
;
_entity_poly.pdbx_strand_id   A
#
# COMPACT_ATOMS: atom_id res chain seq x y z
N ALA A 2 15.38 6.97 -9.89
CA ALA A 2 14.27 6.91 -8.95
C ALA A 2 14.36 5.65 -8.10
N ASP A 3 13.98 5.76 -6.84
CA ASP A 3 13.93 4.64 -5.91
C ASP A 3 12.48 4.30 -5.60
N VAL A 4 12.23 3.04 -5.28
CA VAL A 4 10.88 2.56 -5.05
C VAL A 4 10.83 1.86 -3.70
N VAL A 5 9.80 2.18 -2.91
CA VAL A 5 9.48 1.47 -1.69
C VAL A 5 8.24 0.63 -1.97
N VAL A 6 8.37 -0.69 -1.83
CA VAL A 6 7.29 -1.63 -2.10
C VAL A 6 7.11 -2.56 -0.91
N GLY A 7 5.85 -2.84 -0.57
CA GLY A 7 5.57 -3.85 0.44
C GLY A 7 5.64 -5.20 -0.24
N ILE A 8 6.36 -6.14 0.39
CA ILE A 8 6.58 -7.43 -0.27
C ILE A 8 5.74 -8.55 0.35
N GLN A 9 4.77 -8.22 1.19
CA GLN A 9 3.83 -9.19 1.71
C GLN A 9 2.42 -8.88 1.23
N TRP A 10 1.44 -8.82 2.14
CA TRP A 10 0.07 -8.46 1.79
C TRP A 10 -0.31 -7.08 2.34
N GLY A 11 0.57 -6.11 2.22
CA GLY A 11 0.26 -4.78 2.71
C GLY A 11 0.60 -4.62 4.17
N ASP A 12 0.50 -3.37 4.63
CA ASP A 12 0.68 -3.02 6.04
C ASP A 12 2.01 -3.49 6.61
N GLU A 13 3.05 -3.46 5.77
CA GLU A 13 4.36 -3.88 6.20
C GLU A 13 5.11 -2.80 6.96
N GLY A 14 4.66 -1.54 6.85
CA GLY A 14 5.38 -0.40 7.42
C GLY A 14 5.92 0.56 6.36
N LYS A 15 5.25 0.61 5.20
CA LYS A 15 5.69 1.47 4.10
C LYS A 15 5.63 2.94 4.48
N GLY A 16 4.53 3.37 5.11
CA GLY A 16 4.44 4.76 5.52
C GLY A 16 5.59 5.18 6.41
N LYS A 17 5.95 4.34 7.38
CA LYS A 17 7.05 4.67 8.27
C LYS A 17 8.36 4.82 7.49
N ILE A 18 8.65 3.86 6.60
CA ILE A 18 9.93 3.90 5.89
C ILE A 18 9.99 5.10 4.94
N VAL A 19 8.92 5.33 4.18
CA VAL A 19 8.92 6.48 3.28
C VAL A 19 9.13 7.77 4.07
N ASP A 20 8.41 7.94 5.17
CA ASP A 20 8.61 9.16 5.96
C ASP A 20 10.03 9.23 6.54
N ARG A 21 10.62 8.08 6.88
CA ARG A 21 11.97 8.09 7.45
C ARG A 21 13.00 8.54 6.42
N ILE A 22 12.83 8.17 5.15
CA ILE A 22 13.83 8.45 4.13
C ILE A 22 13.48 9.63 3.21
N ALA A 23 12.27 10.19 3.33
CA ALA A 23 11.80 11.15 2.34
C ALA A 23 12.58 12.46 2.34
N LYS A 24 13.22 12.82 3.47
CA LYS A 24 13.94 14.09 3.53
C LYS A 24 15.00 14.23 2.46
N ASP A 25 15.49 13.11 1.93
CA ASP A 25 16.58 13.13 0.96
C ASP A 25 16.09 13.06 -0.48
N TYR A 26 14.80 13.27 -0.72
CA TYR A 26 14.25 13.22 -2.06
C TYR A 26 13.55 14.53 -2.39
N ASP A 27 13.48 14.83 -3.69
CA ASP A 27 12.78 16.01 -4.19
C ASP A 27 11.31 15.75 -4.47
N PHE A 28 10.97 14.51 -4.83
CA PHE A 28 9.60 14.11 -5.10
C PHE A 28 9.31 12.81 -4.36
N VAL A 29 8.10 12.70 -3.82
CA VAL A 29 7.57 11.45 -3.28
C VAL A 29 6.25 11.19 -4.01
N VAL A 30 6.11 9.99 -4.56
CA VAL A 30 5.08 9.71 -5.56
C VAL A 30 4.26 8.50 -5.16
N ARG A 31 2.96 8.69 -4.93
CA ARG A 31 2.02 7.56 -4.88
C ARG A 31 1.60 7.23 -6.29
N TYR A 32 1.70 5.96 -6.67
CA TYR A 32 1.54 5.60 -8.08
C TYR A 32 0.41 4.61 -8.37
N GLN A 33 -0.19 3.98 -7.36
CA GLN A 33 -1.27 3.05 -7.62
C GLN A 33 -2.17 2.98 -6.40
N GLY A 34 -3.34 2.33 -6.56
CA GLY A 34 -4.28 2.16 -5.48
C GLY A 34 -5.07 3.43 -5.22
N GLY A 35 -5.76 3.44 -4.09
CA GLY A 35 -6.56 4.59 -3.72
C GLY A 35 -6.48 4.81 -2.24
N HIS A 36 -7.60 5.15 -1.62
CA HIS A 36 -7.68 5.35 -0.19
C HIS A 36 -8.07 4.07 0.54
N ASN A 37 -8.02 2.93 -0.15
CA ASN A 37 -7.89 1.65 0.53
C ASN A 37 -6.61 1.59 1.34
N ALA A 38 -5.54 2.19 0.81
CA ALA A 38 -4.28 2.28 1.51
C ALA A 38 -4.46 3.03 2.83
N GLY A 39 -3.66 2.62 3.82
CA GLY A 39 -3.55 3.37 5.04
C GLY A 39 -2.12 3.27 5.51
N HIS A 40 -1.39 4.39 5.50
CA HIS A 40 0.05 4.41 5.76
C HIS A 40 0.28 5.27 7.00
N THR A 41 0.73 4.64 8.09
CA THR A 41 0.83 5.30 9.38
C THR A 41 2.23 5.83 9.63
N ILE A 42 2.31 7.12 9.94
CA ILE A 42 3.56 7.79 10.33
C ILE A 42 3.40 8.25 11.77
N VAL A 43 4.41 8.00 12.59
CA VAL A 43 4.43 8.47 13.97
C VAL A 43 5.76 9.15 14.22
N HIS A 44 5.69 10.38 14.73
CA HIS A 44 6.92 11.10 15.06
C HIS A 44 6.63 12.00 16.25
N LYS A 45 7.44 11.86 17.30
CA LYS A 45 7.33 12.69 18.50
C LYS A 45 5.93 12.59 19.12
N GLY A 46 5.37 11.38 19.11
CA GLY A 46 4.08 11.15 19.74
C GLY A 46 2.87 11.61 18.95
N VAL A 47 3.05 12.01 17.69
CA VAL A 47 1.94 12.45 16.85
C VAL A 47 1.82 11.47 15.68
N LYS A 48 0.62 10.93 15.50
CA LYS A 48 0.36 9.93 14.47
C LYS A 48 -0.42 10.57 13.33
N HIS A 49 0.00 10.29 12.10
CA HIS A 49 -0.76 10.62 10.90
C HIS A 49 -1.07 9.33 10.18
N SER A 50 -2.34 9.13 9.85
CA SER A 50 -2.79 7.97 9.08
C SER A 50 -3.12 8.52 7.69
N LEU A 51 -2.22 8.32 6.73
CA LEU A 51 -2.44 8.80 5.38
C LEU A 51 -3.12 7.73 4.56
N HIS A 52 -3.94 8.16 3.59
CA HIS A 52 -4.64 7.22 2.74
C HIS A 52 -4.30 7.38 1.27
N LEU A 53 -4.44 8.56 0.73
CA LEU A 53 -3.94 8.88 -0.61
C LEU A 53 -2.83 9.91 -0.59
N MET A 54 -2.81 10.79 0.41
CA MET A 54 -1.71 11.74 0.57
C MET A 54 -0.39 10.97 0.62
N PRO A 55 0.59 11.33 -0.19
CA PRO A 55 1.90 10.67 -0.12
C PRO A 55 2.62 10.98 1.18
N SER A 56 3.49 10.04 1.58
CA SER A 56 4.16 10.05 2.87
C SER A 56 5.41 10.95 2.89
N GLY A 57 5.56 11.87 1.96
CA GLY A 57 6.53 12.96 2.07
C GLY A 57 5.92 14.23 2.61
N VAL A 58 4.66 14.20 3.04
CA VAL A 58 3.95 15.42 3.41
C VAL A 58 4.54 16.10 4.63
N LEU A 59 5.30 15.39 5.46
CA LEU A 59 5.85 16.02 6.67
C LEU A 59 7.15 16.77 6.39
N TYR A 60 7.59 16.83 5.14
CA TYR A 60 8.79 17.57 4.77
C TYR A 60 8.36 18.61 3.75
N PRO A 61 8.15 19.86 4.15
CA PRO A 61 7.60 20.85 3.22
C PRO A 61 8.43 21.09 1.98
N LYS A 62 9.73 20.77 1.98
CA LYS A 62 10.52 20.93 0.76
C LYS A 62 10.26 19.85 -0.27
N CYS A 63 9.66 18.73 0.12
N CYS A 63 9.58 18.78 0.09
CA CYS A 63 9.32 17.67 -0.82
CA CYS A 63 9.33 17.68 -0.81
C CYS A 63 8.14 18.11 -1.69
C CYS A 63 8.05 17.91 -1.61
N LYS A 64 8.09 17.59 -2.90
CA LYS A 64 6.92 17.69 -3.76
C LYS A 64 6.23 16.33 -3.80
N ASN A 65 4.99 16.27 -3.33
CA ASN A 65 4.25 15.02 -3.27
C ASN A 65 3.37 14.92 -4.50
N ILE A 66 3.40 13.78 -5.16
N ILE A 66 3.42 13.77 -5.16
CA ILE A 66 2.70 13.58 -6.43
CA ILE A 66 2.73 13.54 -6.43
C ILE A 66 1.78 12.38 -6.29
C ILE A 66 1.77 12.38 -6.24
N ILE A 67 0.51 12.58 -6.68
CA ILE A 67 -0.45 11.50 -6.79
C ILE A 67 -0.57 11.23 -8.29
N SER A 68 -0.07 10.07 -8.73
CA SER A 68 0.19 9.81 -10.13
C SER A 68 -1.03 9.21 -10.85
N SER A 69 -0.86 8.87 -12.14
CA SER A 69 -2.00 8.63 -13.02
C SER A 69 -2.75 7.32 -12.77
N ALA A 70 -2.07 6.28 -12.25
CA ALA A 70 -2.73 5.00 -12.03
C ALA A 70 -3.45 4.91 -10.70
N VAL A 71 -3.45 5.99 -9.91
CA VAL A 71 -4.23 6.07 -8.68
C VAL A 71 -5.71 6.26 -8.99
N VAL A 72 -6.58 5.85 -8.07
CA VAL A 72 -8.01 6.16 -8.13
C VAL A 72 -8.33 7.08 -6.95
N VAL A 73 -9.04 8.18 -7.23
CA VAL A 73 -9.12 9.34 -6.33
C VAL A 73 -10.57 9.53 -5.87
N SER A 74 -10.80 9.40 -4.57
CA SER A 74 -12.01 9.91 -3.95
C SER A 74 -11.75 11.37 -3.60
N VAL A 75 -12.40 12.28 -4.31
CA VAL A 75 -12.06 13.70 -4.18
C VAL A 75 -12.41 14.22 -2.79
N LYS A 76 -13.58 13.85 -2.26
CA LYS A 76 -13.96 14.29 -0.92
C LYS A 76 -12.94 13.84 0.12
N ASP A 77 -12.52 12.57 0.05
CA ASP A 77 -11.59 12.07 1.04
C ASP A 77 -10.21 12.72 0.91
N LEU A 78 -9.78 12.97 -0.32
CA LEU A 78 -8.49 13.66 -0.52
C LEU A 78 -8.56 15.09 0.00
N CYS A 79 -9.68 15.77 -0.20
CA CYS A 79 -9.82 17.13 0.33
C CYS A 79 -9.78 17.12 1.85
N GLU A 80 -10.34 16.10 2.47
CA GLU A 80 -10.28 16.02 3.93
C GLU A 80 -8.86 15.78 4.42
N GLU A 81 -8.06 14.99 3.68
CA GLU A 81 -6.65 14.87 4.02
C GLU A 81 -5.91 16.18 3.85
N ILE A 82 -6.19 16.90 2.75
CA ILE A 82 -5.53 18.18 2.49
C ILE A 82 -5.77 19.15 3.65
N SER A 83 -6.96 19.13 4.24
CA SER A 83 -7.28 20.11 5.28
C SER A 83 -6.46 19.92 6.55
N ALA A 84 -5.75 18.80 6.70
CA ALA A 84 -4.98 18.53 7.89
C ALA A 84 -3.57 19.12 7.85
N PHE A 85 -3.16 19.72 6.74
CA PHE A 85 -1.80 20.25 6.59
C PHE A 85 -1.86 21.69 6.12
N GLU A 86 -0.81 22.44 6.42
CA GLU A 86 -0.74 23.85 6.07
C GLU A 86 0.03 24.05 4.77
N ASP A 87 -0.50 24.92 3.92
CA ASP A 87 0.20 25.39 2.72
C ASP A 87 0.66 24.22 1.83
N LEU A 88 -0.31 23.41 1.39
CA LEU A 88 0.02 22.32 0.47
C LEU A 88 0.10 22.79 -0.98
N GLU A 89 -0.33 24.01 -1.25
CA GLU A 89 -0.16 24.57 -2.59
C GLU A 89 1.30 24.52 -2.96
N ASN A 90 1.59 24.00 -4.15
CA ASN A 90 2.94 23.87 -4.71
C ASN A 90 3.77 22.78 -4.07
N ARG A 91 3.21 21.96 -3.18
CA ARG A 91 3.92 20.76 -2.72
C ARG A 91 3.06 19.51 -2.79
N LEU A 92 1.89 19.60 -3.40
CA LEU A 92 1.06 18.44 -3.69
C LEU A 92 0.48 18.64 -5.07
N PHE A 93 0.59 17.60 -5.91
CA PHE A 93 0.09 17.66 -7.28
C PHE A 93 -0.60 16.35 -7.60
N VAL A 94 -1.77 16.45 -8.23
CA VAL A 94 -2.61 15.31 -8.57
C VAL A 94 -2.70 15.19 -10.09
N SER A 95 -2.36 14.01 -10.61
CA SER A 95 -2.35 13.82 -12.06
C SER A 95 -3.71 14.08 -12.67
N ASP A 96 -3.72 14.85 -13.77
CA ASP A 96 -4.94 15.05 -14.56
C ASP A 96 -5.43 13.76 -15.22
N ARG A 97 -4.64 12.69 -15.20
CA ARG A 97 -5.04 11.41 -15.76
C ARG A 97 -5.53 10.41 -14.72
N ALA A 98 -5.49 10.75 -13.44
CA ALA A 98 -5.98 9.83 -12.42
C ALA A 98 -7.50 9.72 -12.51
N HIS A 99 -8.02 8.51 -12.27
CA HIS A 99 -9.45 8.27 -12.35
C HIS A 99 -10.14 8.64 -11.05
N VAL A 100 -11.43 8.96 -11.15
CA VAL A 100 -12.22 9.51 -10.05
C VAL A 100 -13.16 8.44 -9.52
N ILE A 101 -13.12 8.21 -8.21
CA ILE A 101 -14.05 7.29 -7.56
C ILE A 101 -15.35 8.02 -7.27
N LEU A 102 -16.45 7.51 -7.80
CA LEU A 102 -17.78 8.03 -7.58
C LEU A 102 -18.47 7.25 -6.48
N PRO A 103 -19.39 7.86 -5.73
CA PRO A 103 -20.15 7.10 -4.73
C PRO A 103 -20.76 5.80 -5.23
N TYR A 104 -21.21 5.76 -6.49
CA TYR A 104 -21.69 4.52 -7.10
C TYR A 104 -20.68 3.40 -6.94
N HIS A 105 -19.38 3.72 -7.04
CA HIS A 105 -18.36 2.69 -6.99
C HIS A 105 -18.33 2.01 -5.62
N ALA A 106 -18.43 2.78 -4.55
CA ALA A 106 -18.41 2.17 -3.23
C ALA A 106 -19.68 1.36 -2.99
N LYS A 107 -20.82 1.85 -3.48
CA LYS A 107 -22.07 1.11 -3.35
C LYS A 107 -22.02 -0.20 -4.14
N LYS A 108 -21.44 -0.16 -5.34
CA LYS A 108 -21.28 -1.38 -6.13
C LYS A 108 -20.31 -2.34 -5.46
N ASP A 109 -19.19 -1.83 -4.92
CA ASP A 109 -18.24 -2.66 -4.16
C ASP A 109 -18.96 -3.39 -3.04
N ALA A 110 -19.72 -2.66 -2.21
CA ALA A 110 -20.42 -3.29 -1.10
C ALA A 110 -21.42 -4.32 -1.61
N PHE A 111 -22.12 -4.03 -2.71
CA PHE A 111 -23.11 -4.97 -3.23
C PHE A 111 -22.45 -6.26 -3.71
N LYS A 112 -21.41 -6.15 -4.53
CA LYS A 112 -20.79 -7.37 -5.07
C LYS A 112 -20.12 -8.17 -3.97
N GLU A 113 -19.69 -7.51 -2.90
CA GLU A 113 -19.05 -8.21 -1.79
C GLU A 113 -20.00 -9.18 -1.11
N LYS A 114 -21.31 -8.95 -1.18
CA LYS A 114 -22.28 -9.90 -0.62
C LYS A 114 -22.09 -11.31 -1.17
N SER A 115 -21.74 -11.43 -2.45
CA SER A 115 -21.59 -12.74 -3.08
C SER A 115 -20.15 -13.14 -3.33
N GLN A 116 -19.24 -12.19 -3.51
CA GLN A 116 -17.84 -12.52 -3.80
C GLN A 116 -17.02 -12.79 -2.54
N ASN A 117 -17.32 -12.10 -1.44
CA ASN A 117 -16.65 -12.34 -0.16
C ASN A 117 -15.13 -12.27 -0.26
N ILE A 118 -14.64 -11.28 -1.03
CA ILE A 118 -13.20 -11.06 -1.09
C ILE A 118 -12.70 -10.42 0.20
N GLY A 119 -13.51 -9.55 0.81
CA GLY A 119 -13.06 -8.80 1.96
C GLY A 119 -12.38 -7.51 1.55
N THR A 120 -12.92 -6.83 0.54
CA THR A 120 -12.34 -5.55 0.13
C THR A 120 -12.51 -4.50 1.23
N THR A 121 -11.86 -3.36 1.05
CA THR A 121 -12.01 -2.25 1.99
C THR A 121 -13.32 -1.50 1.79
N LYS A 122 -14.12 -1.87 0.79
CA LYS A 122 -15.43 -1.26 0.52
C LYS A 122 -15.33 0.22 0.17
N LYS A 123 -14.19 0.62 -0.40
CA LYS A 123 -13.95 2.00 -0.80
C LYS A 123 -14.26 2.26 -2.27
N GLY A 124 -14.68 1.23 -3.02
CA GLY A 124 -14.99 1.41 -4.43
C GLY A 124 -13.80 1.31 -5.36
N ILE A 125 -12.68 0.78 -4.88
CA ILE A 125 -11.45 0.74 -5.68
C ILE A 125 -11.65 -0.11 -6.93
N GLY A 126 -12.07 -1.36 -6.74
CA GLY A 126 -12.26 -2.28 -7.85
C GLY A 126 -13.20 -1.72 -8.91
N PRO A 127 -14.41 -1.32 -8.52
CA PRO A 127 -15.34 -0.76 -9.52
C PRO A 127 -14.79 0.46 -10.24
N CYS A 128 -13.99 1.29 -9.58
CA CYS A 128 -13.38 2.42 -10.29
C CYS A 128 -12.39 1.95 -11.34
N TYR A 129 -11.57 0.95 -11.01
CA TYR A 129 -10.68 0.38 -12.01
C TYR A 129 -11.46 -0.33 -13.12
N GLU A 130 -12.62 -0.90 -12.80
CA GLU A 130 -13.45 -1.48 -13.85
C GLU A 130 -13.87 -0.43 -14.87
N ASP A 131 -14.30 0.74 -14.40
CA ASP A 131 -14.72 1.78 -15.32
C ASP A 131 -13.54 2.33 -16.11
N LYS A 132 -12.34 2.28 -15.53
CA LYS A 132 -11.15 2.66 -16.28
C LYS A 132 -10.93 1.71 -17.47
N MET A 133 -10.99 0.40 -17.22
CA MET A 133 -10.85 -0.55 -18.31
C MET A 133 -11.96 -0.42 -19.34
N ALA A 134 -13.16 -0.05 -18.89
CA ALA A 134 -14.26 0.19 -19.82
C ALA A 134 -14.07 1.47 -20.61
N ARG A 135 -13.13 2.31 -20.19
CA ARG A 135 -12.83 3.59 -20.84
C ARG A 135 -14.01 4.56 -20.73
N SER A 136 -14.89 4.34 -19.76
CA SER A 136 -15.97 5.25 -19.43
C SER A 136 -15.69 6.08 -18.18
N GLY A 137 -14.59 5.81 -17.49
CA GLY A 137 -14.33 6.48 -16.23
C GLY A 137 -14.02 7.95 -16.41
N ILE A 138 -14.30 8.71 -15.36
CA ILE A 138 -14.00 10.14 -15.28
C ILE A 138 -12.60 10.31 -14.72
N ARG A 139 -11.83 11.24 -15.29
CA ARG A 139 -10.49 11.50 -14.82
C ARG A 139 -10.41 12.89 -14.21
N MET A 140 -9.38 13.10 -13.39
CA MET A 140 -9.28 14.36 -12.65
C MET A 140 -9.27 15.56 -13.57
N GLY A 141 -8.65 15.43 -14.75
CA GLY A 141 -8.61 16.54 -15.69
C GLY A 141 -10.00 17.00 -16.13
N ASP A 142 -10.98 16.09 -16.08
CA ASP A 142 -12.35 16.45 -16.44
C ASP A 142 -12.94 17.47 -15.48
N LEU A 143 -12.45 17.54 -14.25
CA LEU A 143 -12.97 18.48 -13.27
C LEU A 143 -12.60 19.92 -13.60
N LEU A 144 -11.62 20.12 -14.48
CA LEU A 144 -11.17 21.46 -14.83
C LEU A 144 -12.08 22.17 -15.82
N ASP A 145 -13.03 21.46 -16.44
CA ASP A 145 -13.95 22.06 -17.41
C ASP A 145 -15.36 21.62 -17.09
N ASP A 146 -16.24 22.58 -16.76
CA ASP A 146 -17.58 22.26 -16.30
C ASP A 146 -18.40 21.55 -17.37
N LYS A 147 -18.28 21.99 -18.63
CA LYS A 147 -19.07 21.38 -19.69
C LYS A 147 -18.67 19.93 -19.91
N ILE A 148 -17.37 19.62 -19.84
CA ILE A 148 -16.91 18.24 -20.00
C ILE A 148 -17.40 17.38 -18.83
N LEU A 149 -17.28 17.89 -17.60
CA LEU A 149 -17.75 17.14 -16.46
C LEU A 149 -19.24 16.86 -16.55
N GLU A 150 -20.04 17.84 -16.98
CA GLU A 150 -21.47 17.64 -17.05
C GLU A 150 -21.83 16.55 -18.06
N GLU A 151 -21.17 16.56 -19.23
CA GLU A 151 -21.42 15.51 -20.21
C GLU A 151 -21.06 14.14 -19.67
N LYS A 152 -19.94 14.03 -18.96
CA LYS A 152 -19.54 12.74 -18.41
C LYS A 152 -20.47 12.30 -17.29
N LEU A 153 -20.90 13.23 -16.44
CA LEU A 153 -21.85 12.88 -15.39
C LEU A 153 -23.18 12.45 -15.98
N ASN A 154 -23.61 13.12 -17.06
CA ASN A 154 -24.87 12.75 -17.70
C ASN A 154 -24.81 11.32 -18.23
N ALA A 155 -23.69 10.95 -18.85
CA ALA A 155 -23.51 9.57 -19.31
C ALA A 155 -23.51 8.60 -18.12
N HIS A 156 -22.89 8.99 -17.02
CA HIS A 156 -22.86 8.14 -15.83
C HIS A 156 -24.27 7.89 -15.30
N PHE A 157 -25.09 8.94 -15.20
CA PHE A 157 -26.45 8.79 -14.73
C PHE A 157 -27.25 7.83 -15.60
N LYS A 158 -27.09 7.93 -16.92
CA LYS A 158 -27.75 6.97 -17.81
C LYS A 158 -27.23 5.55 -17.59
N ALA A 159 -25.91 5.41 -17.44
CA ALA A 159 -25.31 4.08 -17.40
C ALA A 159 -25.72 3.31 -16.15
N ILE A 160 -25.97 4.00 -15.03
CA ILE A 160 -26.22 3.33 -13.76
C ILE A 160 -27.70 3.16 -13.43
N GLU A 161 -28.61 3.77 -14.20
CA GLU A 161 -30.03 3.73 -13.87
C GLU A 161 -30.57 2.33 -13.58
N PRO A 162 -30.28 1.29 -14.36
CA PRO A 162 -30.79 -0.05 -14.02
C PRO A 162 -30.29 -0.61 -12.69
N PHE A 163 -29.28 0.00 -12.06
CA PHE A 163 -28.73 -0.51 -10.81
C PHE A 163 -29.16 0.30 -9.60
N LYS A 164 -30.06 1.27 -9.78
CA LYS A 164 -30.42 2.17 -8.68
C LYS A 164 -31.00 1.39 -7.50
N LYS A 165 -31.94 0.50 -7.77
CA LYS A 165 -32.50 -0.31 -6.69
C LYS A 165 -31.52 -1.38 -6.24
N ALA A 166 -30.88 -2.07 -7.18
CA ALA A 166 -29.99 -3.17 -6.84
C ALA A 166 -28.85 -2.71 -5.93
N TYR A 167 -28.30 -1.53 -6.20
CA TYR A 167 -27.15 -1.03 -5.45
C TYR A 167 -27.54 -0.14 -4.28
N ASP A 168 -28.84 0.04 -4.02
CA ASP A 168 -29.32 0.96 -2.99
C ASP A 168 -28.78 2.37 -3.22
N LEU A 169 -28.87 2.83 -4.46
CA LEU A 169 -28.52 4.20 -4.79
C LEU A 169 -29.63 5.13 -4.34
N GLY A 170 -29.25 6.29 -3.82
CA GLY A 170 -30.26 7.24 -3.35
C GLY A 170 -31.18 7.67 -4.47
N GLU A 171 -32.40 8.05 -4.09
CA GLU A 171 -33.33 8.62 -5.07
C GLU A 171 -32.89 10.01 -5.52
N ASN A 172 -32.10 10.71 -4.70
CA ASN A 172 -31.48 11.97 -5.09
C ASN A 172 -30.02 11.77 -5.49
N TYR A 173 -29.67 10.59 -5.98
CA TYR A 173 -28.29 10.31 -6.35
C TYR A 173 -27.76 11.33 -7.36
N GLU A 174 -28.56 11.66 -8.36
CA GLU A 174 -28.10 12.50 -9.45
C GLU A 174 -27.90 13.95 -8.98
N LYS A 175 -28.86 14.49 -8.25
CA LYS A 175 -28.70 15.85 -7.74
C LYS A 175 -27.61 15.92 -6.68
N ASP A 176 -27.49 14.88 -5.86
CA ASP A 176 -26.43 14.85 -4.85
C ASP A 176 -25.05 14.83 -5.49
N LEU A 177 -24.87 14.08 -6.58
CA LEU A 177 -23.55 13.98 -7.20
C LEU A 177 -23.16 15.27 -7.90
N MET A 178 -24.12 15.95 -8.52
CA MET A 178 -23.81 17.26 -9.07
C MET A 178 -23.39 18.23 -7.97
N GLY A 179 -24.08 18.19 -6.82
CA GLY A 179 -23.70 19.04 -5.71
C GLY A 179 -22.36 18.66 -5.11
N TYR A 180 -22.05 17.36 -5.07
CA TYR A 180 -20.74 16.89 -4.62
C TYR A 180 -19.62 17.58 -5.39
N PHE A 181 -19.72 17.59 -6.71
CA PHE A 181 -18.65 18.20 -7.49
C PHE A 181 -18.66 19.72 -7.41
N LYS A 182 -19.84 20.33 -7.24
CA LYS A 182 -19.86 21.77 -7.02
C LYS A 182 -19.18 22.15 -5.70
N THR A 183 -19.24 21.26 -4.70
CA THR A 183 -18.57 21.51 -3.43
C THR A 183 -17.07 21.26 -3.53
N TYR A 184 -16.66 20.13 -4.10
CA TYR A 184 -15.28 19.67 -3.99
C TYR A 184 -14.39 20.00 -5.17
N ALA A 185 -14.95 20.16 -6.38
CA ALA A 185 -14.10 20.53 -7.51
C ALA A 185 -13.34 21.83 -7.28
N PRO A 186 -13.93 22.92 -6.79
CA PRO A 186 -13.13 24.12 -6.53
C PRO A 186 -12.01 23.92 -5.53
N LYS A 187 -12.18 23.02 -4.57
CA LYS A 187 -11.11 22.77 -3.59
C LYS A 187 -9.95 22.00 -4.21
N ILE A 188 -10.26 21.05 -5.09
CA ILE A 188 -9.20 20.18 -5.59
C ILE A 188 -8.57 20.70 -6.89
N CYS A 189 -9.31 21.48 -7.66
CA CYS A 189 -8.82 21.91 -8.98
C CYS A 189 -7.44 22.55 -8.97
N PRO A 190 -7.06 23.41 -8.01
CA PRO A 190 -5.72 24.01 -8.06
C PRO A 190 -4.59 22.99 -8.00
N PHE A 191 -4.85 21.78 -7.53
CA PHE A 191 -3.83 20.76 -7.39
C PHE A 191 -3.66 19.89 -8.63
N ILE A 192 -4.56 19.99 -9.60
CA ILE A 192 -4.58 19.08 -10.74
C ILE A 192 -3.58 19.57 -11.78
N LYS A 193 -2.61 18.71 -12.11
CA LYS A 193 -1.53 19.07 -13.02
C LYS A 193 -1.18 17.88 -13.90
N ASP A 194 -0.43 18.14 -14.97
CA ASP A 194 0.19 17.10 -15.80
C ASP A 194 1.43 16.60 -15.06
N THR A 195 1.22 15.62 -14.18
CA THR A 195 2.34 15.09 -13.41
C THR A 195 3.23 14.16 -14.22
N THR A 196 2.71 13.60 -15.31
CA THR A 196 3.56 12.79 -16.19
C THR A 196 4.71 13.64 -16.72
N SER A 197 4.39 14.83 -17.23
CA SER A 197 5.42 15.73 -17.73
C SER A 197 6.34 16.17 -16.61
N MET A 198 5.79 16.37 -15.40
CA MET A 198 6.62 16.79 -14.28
C MET A 198 7.70 15.77 -13.98
N LEU A 199 7.33 14.47 -13.99
CA LEU A 199 8.29 13.43 -13.66
C LEU A 199 9.21 13.10 -14.82
N ILE A 200 8.73 13.20 -16.06
CA ILE A 200 9.65 13.09 -17.19
C ILE A 200 10.76 14.11 -17.06
N GLU A 201 10.39 15.36 -16.77
CA GLU A 201 11.38 16.43 -16.64
C GLU A 201 12.26 16.20 -15.42
N ALA A 202 11.67 15.82 -14.29
CA ALA A 202 12.46 15.60 -13.08
C ALA A 202 13.50 14.51 -13.30
N ASN A 203 13.11 13.42 -13.98
CA ASN A 203 14.05 12.35 -14.27
C ASN A 203 15.17 12.83 -15.18
N GLN A 204 14.82 13.58 -16.23
CA GLN A 204 15.83 14.11 -17.16
C GLN A 204 16.81 15.02 -16.45
N LYS A 205 16.35 15.78 -15.46
CA LYS A 205 17.19 16.72 -14.74
C LYS A 205 17.97 16.09 -13.59
N GLY A 206 17.78 14.80 -13.33
CA GLY A 206 18.51 14.14 -12.27
C GLY A 206 18.00 14.41 -10.88
N GLU A 207 16.76 14.87 -10.74
CA GLU A 207 16.19 15.09 -9.42
C GLU A 207 15.95 13.75 -8.73
N LYS A 208 15.87 13.79 -7.41
CA LYS A 208 15.73 12.57 -6.61
C LYS A 208 14.26 12.27 -6.40
N ILE A 209 13.83 11.10 -6.86
CA ILE A 209 12.43 10.70 -6.89
C ILE A 209 12.28 9.43 -6.06
N LEU A 210 11.31 9.43 -5.13
CA LEU A 210 10.97 8.28 -4.33
C LEU A 210 9.54 7.88 -4.67
N LEU A 211 9.34 6.62 -5.01
CA LEU A 211 8.02 6.11 -5.36
C LEU A 211 7.51 5.25 -4.22
N GLU A 212 6.31 5.56 -3.73
CA GLU A 212 5.73 4.93 -2.55
C GLU A 212 4.65 3.95 -3.00
N GLY A 213 4.91 2.66 -2.86
CA GLY A 213 3.89 1.68 -3.16
C GLY A 213 2.78 1.64 -2.12
N ALA A 214 1.62 1.15 -2.55
CA ALA A 214 0.53 0.81 -1.66
C ALA A 214 0.24 -0.67 -1.78
N GLN A 215 -0.50 -1.20 -0.82
CA GLN A 215 -0.79 -2.63 -0.76
C GLN A 215 0.55 -3.38 -0.68
N GLY A 216 0.61 -4.59 -1.23
CA GLY A 216 1.85 -5.33 -1.24
C GLY A 216 1.84 -6.29 -2.41
N THR A 217 2.98 -6.95 -2.61
CA THR A 217 3.17 -7.77 -3.81
C THR A 217 2.14 -8.88 -3.92
N LEU A 218 1.82 -9.52 -2.80
CA LEU A 218 0.88 -10.64 -2.84
C LEU A 218 -0.55 -10.21 -3.08
N LEU A 219 -0.83 -8.91 -3.08
CA LEU A 219 -2.12 -8.37 -3.47
C LEU A 219 -2.16 -7.93 -4.94
N ASP A 220 -1.11 -8.16 -5.70
CA ASP A 220 -1.08 -7.76 -7.11
C ASP A 220 -2.18 -8.47 -7.90
N ILE A 221 -2.86 -7.70 -8.76
CA ILE A 221 -4.00 -8.21 -9.52
C ILE A 221 -3.58 -9.37 -10.42
N ASP A 222 -2.36 -9.32 -10.97
CA ASP A 222 -1.89 -10.37 -11.87
C ASP A 222 -1.21 -11.52 -11.14
N LEU A 223 -0.29 -11.20 -10.22
CA LEU A 223 0.65 -12.18 -9.68
C LEU A 223 0.39 -12.52 -8.22
N GLY A 224 -0.56 -11.86 -7.57
CA GLY A 224 -0.91 -12.15 -6.20
C GLY A 224 -1.90 -13.29 -6.07
N THR A 225 -2.47 -13.42 -4.86
CA THR A 225 -3.34 -14.54 -4.52
C THR A 225 -4.77 -14.32 -5.06
N TYR A 226 -4.87 -14.25 -6.39
CA TYR A 226 -6.14 -13.98 -7.05
C TYR A 226 -7.17 -15.04 -6.69
N PRO A 227 -8.45 -14.67 -6.46
CA PRO A 227 -9.04 -13.33 -6.60
C PRO A 227 -8.94 -12.47 -5.35
N PHE A 228 -8.22 -12.97 -4.35
CA PHE A 228 -8.03 -12.26 -3.08
C PHE A 228 -6.85 -11.30 -3.21
N VAL A 229 -7.11 -10.26 -4.00
CA VAL A 229 -6.11 -9.28 -4.42
C VAL A 229 -6.80 -7.93 -4.56
N THR A 230 -5.99 -6.88 -4.72
CA THR A 230 -6.52 -5.58 -5.10
C THR A 230 -6.49 -5.46 -6.62
N SER A 231 -7.22 -4.47 -7.15
CA SER A 231 -7.40 -4.35 -8.60
C SER A 231 -6.31 -3.53 -9.28
N SER A 232 -5.18 -3.35 -8.64
CA SER A 232 -4.07 -2.68 -9.30
C SER A 232 -2.83 -3.56 -9.22
N ASN A 233 -1.84 -3.21 -10.02
CA ASN A 233 -0.54 -3.86 -9.94
C ASN A 233 0.27 -3.18 -8.85
N THR A 234 0.93 -4.00 -8.03
CA THR A 234 1.57 -3.49 -6.82
C THR A 234 3.08 -3.70 -6.82
N THR A 235 3.65 -4.24 -7.90
CA THR A 235 5.08 -4.50 -7.88
C THR A 235 5.85 -3.23 -8.26
N SER A 236 7.19 -3.30 -8.12
CA SER A 236 7.99 -2.10 -8.36
C SER A 236 7.88 -1.62 -9.80
N ALA A 237 7.70 -2.54 -10.76
CA ALA A 237 7.54 -2.11 -12.16
C ALA A 237 6.29 -1.27 -12.34
N SER A 238 5.28 -1.43 -11.49
CA SER A 238 4.10 -0.59 -11.58
C SER A 238 4.47 0.89 -11.37
N ALA A 239 5.57 1.16 -10.65
CA ALA A 239 6.02 2.53 -10.45
C ALA A 239 6.56 3.17 -11.73
N CYS A 240 6.89 2.40 -12.76
CA CYS A 240 7.36 2.99 -14.01
C CYS A 240 6.44 2.70 -15.18
N VAL A 241 5.22 2.23 -14.91
CA VAL A 241 4.24 1.98 -15.96
C VAL A 241 3.48 3.25 -16.31
N SER A 242 3.09 4.02 -15.30
CA SER A 242 2.07 5.05 -15.44
C SER A 242 2.48 6.39 -14.83
N THR A 243 3.73 6.53 -14.40
CA THR A 243 4.19 7.75 -13.73
C THR A 243 4.87 8.73 -14.66
N GLY A 244 5.33 8.28 -15.82
CA GLY A 244 6.23 9.07 -16.63
C GLY A 244 7.67 8.63 -16.54
N LEU A 245 7.98 7.67 -15.68
CA LEU A 245 9.31 7.09 -15.62
C LEU A 245 9.35 5.84 -16.50
N ASN A 246 10.52 5.25 -16.62
CA ASN A 246 10.69 4.03 -17.40
C ASN A 246 11.55 3.08 -16.60
N PRO A 247 11.59 1.79 -16.96
CA PRO A 247 12.29 0.82 -16.10
C PRO A 247 13.76 1.11 -15.91
N LYS A 248 14.42 1.71 -16.91
CA LYS A 248 15.84 2.02 -16.81
C LYS A 248 16.12 3.06 -15.73
N ALA A 249 15.10 3.82 -15.30
CA ALA A 249 15.31 4.86 -14.31
C ALA A 249 15.31 4.33 -12.88
N ILE A 250 14.90 3.08 -12.67
CA ILE A 250 14.79 2.55 -11.32
C ILE A 250 16.18 2.20 -10.78
N ASN A 251 16.51 2.73 -9.60
CA ASN A 251 17.80 2.48 -8.98
C ASN A 251 17.57 1.56 -7.79
N GLU A 252 17.28 2.08 -6.62
CA GLU A 252 17.06 1.22 -5.45
C GLU A 252 15.61 0.77 -5.40
N VAL A 253 15.42 -0.49 -5.02
CA VAL A 253 14.09 -1.03 -4.75
C VAL A 253 14.14 -1.54 -3.33
N ILE A 254 13.44 -0.87 -2.43
CA ILE A 254 13.46 -1.18 -1.00
C ILE A 254 12.21 -1.98 -0.69
N GLY A 255 12.37 -3.28 -0.42
CA GLY A 255 11.24 -4.13 -0.09
C GLY A 255 10.98 -4.09 1.40
N ILE A 256 9.74 -3.82 1.78
CA ILE A 256 9.36 -3.67 3.18
C ILE A 256 8.68 -4.96 3.63
N THR A 257 9.19 -5.54 4.72
CA THR A 257 8.63 -6.78 5.26
C THR A 257 8.59 -6.70 6.76
N LYS A 258 7.53 -7.25 7.35
CA LYS A 258 7.52 -7.40 8.79
C LYS A 258 8.31 -8.65 9.18
N ALA A 259 8.67 -8.73 10.46
CA ALA A 259 9.33 -9.92 10.99
C ALA A 259 8.38 -11.09 11.15
N TYR A 260 7.08 -10.86 10.95
CA TYR A 260 6.05 -11.90 10.89
C TYR A 260 5.16 -11.54 9.72
N SER A 261 3.94 -12.09 9.65
CA SER A 261 3.06 -11.83 8.51
C SER A 261 1.67 -11.41 8.96
N THR A 262 1.04 -10.57 8.15
CA THR A 262 -0.38 -10.30 8.29
C THR A 262 -1.06 -10.25 6.93
N ARG A 263 -2.36 -10.50 6.91
CA ARG A 263 -3.20 -10.04 5.81
C ARG A 263 -4.55 -9.72 6.39
N VAL A 264 -5.29 -8.85 5.72
CA VAL A 264 -6.62 -8.49 6.18
C VAL A 264 -7.57 -8.65 5.01
N GLY A 265 -8.71 -9.30 5.26
CA GLY A 265 -9.57 -9.79 4.20
C GLY A 265 -9.33 -11.28 3.99
N ASN A 266 -10.13 -11.85 3.09
CA ASN A 266 -10.08 -13.29 2.88
C ASN A 266 -8.94 -13.67 1.95
N GLY A 267 -8.70 -14.98 1.83
CA GLY A 267 -7.73 -15.50 0.91
C GLY A 267 -6.69 -16.37 1.58
N PRO A 268 -5.89 -17.06 0.76
CA PRO A 268 -4.90 -17.99 1.32
C PRO A 268 -3.82 -17.27 2.12
N PHE A 269 -3.35 -17.95 3.15
CA PHE A 269 -2.36 -17.42 4.09
C PHE A 269 -1.67 -18.63 4.72
N PRO A 270 -0.71 -19.24 4.02
CA PRO A 270 -0.15 -20.51 4.50
C PRO A 270 0.39 -20.47 5.92
N SER A 271 1.05 -19.38 6.31
CA SER A 271 1.68 -19.32 7.63
C SER A 271 0.80 -18.65 8.67
N GLU A 272 -0.51 -18.57 8.43
CA GLU A 272 -1.42 -18.00 9.40
C GLU A 272 -1.34 -18.78 10.70
N ASP A 273 -1.39 -18.07 11.82
CA ASP A 273 -1.45 -18.67 13.14
C ASP A 273 -2.80 -18.31 13.74
N THR A 274 -3.67 -19.31 13.88
CA THR A 274 -5.01 -19.10 14.42
C THR A 274 -5.11 -19.45 15.89
N THR A 275 -4.01 -19.85 16.52
CA THR A 275 -3.97 -20.17 17.94
C THR A 275 -3.88 -18.87 18.73
N PRO A 276 -3.90 -18.95 20.07
CA PRO A 276 -3.71 -17.74 20.87
C PRO A 276 -2.40 -17.01 20.60
N MET A 277 -1.38 -17.67 20.03
CA MET A 277 -0.19 -16.92 19.66
C MET A 277 -0.47 -15.91 18.55
N GLY A 278 -1.30 -16.28 17.58
CA GLY A 278 -1.70 -15.31 16.57
C GLY A 278 -2.45 -14.13 17.18
N ASP A 279 -3.32 -14.41 18.17
CA ASP A 279 -4.02 -13.34 18.86
C ASP A 279 -3.05 -12.46 19.63
N HIS A 280 -2.00 -13.06 20.20
CA HIS A 280 -0.98 -12.26 20.87
C HIS A 280 -0.26 -11.33 19.89
N LEU A 281 0.09 -11.83 18.70
CA LEU A 281 0.69 -10.97 17.69
C LEU A 281 -0.24 -9.82 17.34
N ARG A 282 -1.55 -10.09 17.24
CA ARG A 282 -2.50 -9.04 16.90
C ARG A 282 -2.55 -7.98 17.99
N THR A 283 -2.59 -8.41 19.25
CA THR A 283 -2.67 -7.45 20.35
C THR A 283 -1.39 -6.66 20.50
N LYS A 284 -0.24 -7.35 20.58
CA LYS A 284 1.02 -6.64 20.81
C LYS A 284 1.42 -5.81 19.61
N GLY A 285 1.07 -6.25 18.41
CA GLY A 285 1.38 -5.50 17.21
C GLY A 285 0.32 -4.51 16.81
N ALA A 286 -0.76 -4.41 17.59
CA ALA A 286 -1.87 -3.50 17.28
C ALA A 286 -2.31 -3.66 15.83
N GLU A 287 -2.55 -4.91 15.43
CA GLU A 287 -2.79 -5.26 14.04
C GLU A 287 -4.27 -5.12 13.71
N PHE A 288 -4.67 -3.86 13.50
CA PHE A 288 -6.00 -3.49 13.06
C PHE A 288 -5.83 -2.56 11.87
N GLY A 289 -6.65 -2.77 10.84
CA GLY A 289 -6.52 -2.06 9.59
C GLY A 289 -6.48 -0.55 9.78
N THR A 290 -5.44 0.10 9.23
CA THR A 290 -5.33 1.54 9.31
C THR A 290 -6.53 2.24 8.69
N THR A 291 -7.11 1.65 7.65
CA THR A 291 -8.26 2.24 6.97
C THR A 291 -9.59 1.75 7.53
N THR A 292 -9.76 0.43 7.65
CA THR A 292 -11.06 -0.15 8.00
C THR A 292 -11.21 -0.52 9.47
N LYS A 293 -10.12 -0.53 10.23
CA LYS A 293 -10.09 -0.95 11.63
C LYS A 293 -10.38 -2.44 11.81
N ARG A 294 -10.46 -3.21 10.73
CA ARG A 294 -10.70 -4.64 10.84
C ARG A 294 -9.51 -5.32 11.53
N PRO A 295 -9.74 -6.31 12.39
CA PRO A 295 -8.61 -7.09 12.91
C PRO A 295 -7.89 -7.82 11.78
N ARG A 296 -6.56 -7.70 11.77
CA ARG A 296 -5.77 -8.40 10.76
C ARG A 296 -5.57 -9.86 11.16
N ARG A 297 -5.45 -10.72 10.15
CA ARG A 297 -5.01 -12.09 10.37
C ARG A 297 -3.50 -12.07 10.56
N CYS A 298 -3.01 -12.82 11.54
CA CYS A 298 -1.61 -12.78 11.88
C CYS A 298 -0.98 -14.16 11.71
N GLY A 299 0.30 -14.16 11.40
CA GLY A 299 1.01 -15.40 11.23
C GLY A 299 2.50 -15.16 11.18
N TRP A 300 3.22 -16.20 10.79
CA TRP A 300 4.67 -16.20 10.82
C TRP A 300 5.24 -15.77 9.47
N LEU A 301 6.49 -15.30 9.51
CA LEU A 301 7.16 -14.91 8.28
C LEU A 301 7.25 -16.10 7.34
N ASP A 302 7.00 -15.86 6.05
CA ASP A 302 6.93 -16.92 5.04
C ASP A 302 8.01 -16.60 4.00
N LEU A 303 9.12 -17.33 4.04
CA LEU A 303 10.22 -17.06 3.13
C LEU A 303 9.98 -17.58 1.72
N VAL A 304 9.10 -18.57 1.54
CA VAL A 304 8.74 -18.97 0.17
C VAL A 304 8.10 -17.81 -0.56
N ALA A 305 7.11 -17.19 0.10
CA ALA A 305 6.43 -16.03 -0.47
C ALA A 305 7.37 -14.83 -0.57
N LEU A 306 8.30 -14.69 0.38
CA LEU A 306 9.21 -13.55 0.36
C LEU A 306 10.18 -13.64 -0.82
N LYS A 307 10.71 -14.83 -1.08
CA LYS A 307 11.60 -14.99 -2.22
C LYS A 307 10.88 -14.70 -3.54
N TYR A 308 9.62 -15.12 -3.64
CA TYR A 308 8.82 -14.81 -4.82
C TYR A 308 8.66 -13.31 -4.99
N ALA A 309 8.28 -12.61 -3.92
CA ALA A 309 8.09 -11.16 -4.02
C ALA A 309 9.39 -10.44 -4.33
N CYS A 310 10.49 -10.88 -3.75
CA CYS A 310 11.78 -10.27 -4.05
C CYS A 310 12.14 -10.43 -5.52
N ALA A 311 11.84 -11.59 -6.10
CA ALA A 311 12.11 -11.80 -7.53
C ALA A 311 11.25 -10.88 -8.39
N LEU A 312 9.97 -10.70 -8.03
CA LEU A 312 9.11 -9.87 -8.86
C LEU A 312 9.47 -8.40 -8.78
N ASN A 313 10.09 -7.97 -7.68
CA ASN A 313 10.37 -6.55 -7.48
C ASN A 313 11.81 -6.18 -7.81
N GLY A 314 12.73 -7.14 -7.76
CA GLY A 314 14.14 -6.81 -7.92
C GLY A 314 14.70 -6.05 -6.73
N CYS A 315 14.26 -6.40 -5.53
CA CYS A 315 14.71 -5.71 -4.32
C CYS A 315 16.22 -5.65 -4.24
N THR A 316 16.74 -4.44 -4.01
CA THR A 316 18.15 -4.23 -3.75
C THR A 316 18.47 -4.09 -2.26
N GLN A 317 17.47 -3.77 -1.44
CA GLN A 317 17.61 -3.72 0.01
C GLN A 317 16.28 -4.14 0.60
N LEU A 318 16.32 -4.57 1.87
CA LEU A 318 15.11 -4.89 2.62
C LEU A 318 15.04 -4.00 3.85
N ALA A 319 13.81 -3.68 4.26
CA ALA A 319 13.54 -3.07 5.55
C ALA A 319 12.75 -4.09 6.35
N LEU A 320 13.26 -4.45 7.53
CA LEU A 320 12.63 -5.44 8.39
C LEU A 320 11.94 -4.71 9.52
N MET A 321 10.63 -4.89 9.66
CA MET A 321 9.80 -4.06 10.52
C MET A 321 9.20 -4.88 11.66
N LYS A 322 8.93 -4.18 12.77
CA LYS A 322 8.15 -4.71 13.87
C LYS A 322 8.84 -5.86 14.60
N LEU A 323 10.18 -5.85 14.62
CA LEU A 323 10.91 -6.81 15.45
C LEU A 323 10.48 -6.72 16.91
N ASP A 324 10.10 -5.53 17.38
CA ASP A 324 9.75 -5.34 18.78
C ASP A 324 8.48 -6.06 19.17
N VAL A 325 7.60 -6.33 18.20
CA VAL A 325 6.37 -7.04 18.51
C VAL A 325 6.67 -8.46 18.97
N LEU A 326 7.80 -9.01 18.54
CA LEU A 326 8.19 -10.37 18.92
C LEU A 326 8.92 -10.43 20.26
N ASP A 327 9.20 -9.30 20.90
CA ASP A 327 9.83 -9.28 22.22
C ASP A 327 9.06 -10.19 23.17
N GLY A 328 9.79 -11.07 23.86
CA GLY A 328 9.21 -11.91 24.89
C GLY A 328 8.65 -13.23 24.40
N ILE A 329 8.58 -13.45 23.08
CA ILE A 329 8.13 -14.73 22.54
C ILE A 329 9.31 -15.70 22.53
N ASP A 330 9.10 -16.88 23.13
CA ASP A 330 10.24 -17.75 23.39
C ASP A 330 10.79 -18.38 22.12
N ALA A 331 9.94 -18.70 21.16
CA ALA A 331 10.36 -19.36 19.93
C ALA A 331 9.66 -18.70 18.75
N ILE A 332 10.46 -18.27 17.76
CA ILE A 332 9.94 -17.63 16.55
C ILE A 332 10.00 -18.63 15.41
N LYS A 333 8.87 -18.84 14.75
CA LYS A 333 8.79 -19.75 13.62
C LYS A 333 8.92 -18.98 12.32
N VAL A 334 9.58 -19.58 11.34
CA VAL A 334 9.69 -19.03 10.00
C VAL A 334 9.36 -20.15 9.01
N CYS A 335 8.42 -19.89 8.12
CA CYS A 335 8.06 -20.86 7.11
C CYS A 335 9.13 -20.87 6.03
N VAL A 336 9.84 -21.99 5.89
CA VAL A 336 10.96 -22.08 4.94
C VAL A 336 10.62 -22.87 3.69
N ALA A 337 9.48 -23.56 3.68
CA ALA A 337 9.08 -24.40 2.56
C ALA A 337 7.62 -24.75 2.78
N TYR A 338 6.98 -25.30 1.75
CA TYR A 338 5.63 -25.81 1.86
C TYR A 338 5.66 -27.32 1.67
N GLU A 339 4.84 -28.02 2.45
CA GLU A 339 4.54 -29.41 2.19
C GLU A 339 3.21 -29.46 1.44
N ARG A 340 3.18 -30.21 0.34
CA ARG A 340 1.94 -30.37 -0.41
C ARG A 340 1.83 -31.83 -0.84
N LYS A 341 0.97 -32.58 -0.16
CA LYS A 341 0.71 -33.97 -0.50
C LYS A 341 2.00 -34.79 -0.53
N GLY A 342 2.82 -34.64 0.50
CA GLY A 342 4.08 -35.35 0.60
C GLY A 342 5.20 -34.78 -0.23
N GLU A 343 4.95 -33.69 -0.96
CA GLU A 343 5.95 -33.00 -1.75
C GLU A 343 6.43 -31.78 -0.99
N ARG A 344 7.74 -31.54 -1.03
CA ARG A 344 8.32 -30.34 -0.42
C ARG A 344 8.52 -29.31 -1.52
N LEU A 345 7.83 -28.17 -1.41
CA LEU A 345 7.93 -27.09 -2.38
C LEU A 345 8.86 -26.02 -1.85
N GLU A 346 9.89 -25.69 -2.62
CA GLU A 346 10.80 -24.60 -2.30
C GLU A 346 10.45 -23.31 -3.03
N ILE A 347 9.54 -23.36 -3.99
CA ILE A 347 9.20 -22.24 -4.86
C ILE A 347 7.71 -21.96 -4.74
N PHE A 348 7.37 -20.68 -4.66
CA PHE A 348 5.98 -20.27 -4.49
C PHE A 348 5.13 -20.71 -5.67
N PRO A 349 4.07 -21.51 -5.46
CA PRO A 349 3.28 -22.00 -6.57
C PRO A 349 2.12 -21.04 -6.90
N SER A 350 1.53 -21.26 -8.08
CA SER A 350 0.43 -20.42 -8.54
C SER A 350 -0.90 -20.76 -7.87
N ASP A 351 -0.97 -21.87 -7.15
CA ASP A 351 -2.16 -22.28 -6.43
C ASP A 351 -1.67 -22.77 -5.06
N LEU A 352 -2.20 -22.17 -4.00
CA LEU A 352 -1.75 -22.49 -2.65
C LEU A 352 -2.56 -23.57 -1.98
N LYS A 353 -3.51 -24.19 -2.70
CA LYS A 353 -4.30 -25.25 -2.10
C LYS A 353 -3.40 -26.38 -1.62
N ASP A 354 -3.68 -26.88 -0.43
CA ASP A 354 -2.97 -27.98 0.20
C ASP A 354 -1.53 -27.65 0.59
N CYS A 355 -1.11 -26.40 0.49
CA CYS A 355 0.24 -26.03 0.89
C CYS A 355 0.28 -25.78 2.40
N VAL A 356 1.04 -26.61 3.10
CA VAL A 356 1.17 -26.58 4.55
C VAL A 356 2.55 -26.01 4.88
N PRO A 357 2.66 -25.05 5.79
CA PRO A 357 3.99 -24.50 6.10
C PRO A 357 4.89 -25.52 6.77
N ILE A 358 6.16 -25.51 6.37
CA ILE A 358 7.23 -26.22 7.04
C ILE A 358 8.04 -25.17 7.79
N TYR A 359 8.14 -25.30 9.10
CA TYR A 359 8.70 -24.25 9.94
C TYR A 359 10.11 -24.58 10.41
N GLN A 360 10.94 -23.55 10.48
CA GLN A 360 12.19 -23.57 11.22
C GLN A 360 12.02 -22.63 12.41
N THR A 361 12.56 -23.02 13.55
CA THR A 361 12.33 -22.29 14.80
C THR A 361 13.60 -21.57 15.23
N PHE A 362 13.42 -20.35 15.71
CA PHE A 362 14.51 -19.50 16.16
C PHE A 362 14.31 -19.11 17.61
N LYS A 363 15.42 -19.01 18.34
CA LYS A 363 15.38 -18.55 19.73
C LYS A 363 14.99 -17.09 19.79
N GLY A 364 14.11 -16.77 20.74
CA GLY A 364 13.56 -15.43 20.84
C GLY A 364 14.45 -14.47 21.60
N TRP A 365 13.97 -13.24 21.69
CA TRP A 365 14.67 -12.15 22.35
C TRP A 365 13.70 -11.42 23.24
N GLU A 366 14.23 -10.48 24.02
CA GLU A 366 13.45 -9.87 25.10
C GLU A 366 13.17 -8.40 24.96
N LYS A 367 14.06 -7.61 24.34
CA LYS A 367 13.95 -6.16 24.48
C LYS A 367 14.56 -5.43 23.28
N SER A 368 14.05 -5.71 22.09
CA SER A 368 14.45 -4.94 20.91
C SER A 368 13.74 -3.60 20.80
N VAL A 369 12.67 -3.38 21.56
CA VAL A 369 11.86 -2.18 21.39
C VAL A 369 12.68 -0.92 21.56
N GLY A 370 12.56 0.01 20.59
CA GLY A 370 13.21 1.31 20.67
C GLY A 370 14.70 1.32 20.41
N VAL A 371 15.32 0.17 20.13
CA VAL A 371 16.75 0.14 19.89
C VAL A 371 17.08 0.87 18.59
N ARG A 372 18.16 1.66 18.62
CA ARG A 372 18.55 2.47 17.47
C ARG A 372 19.93 2.14 16.91
N LYS A 373 20.64 1.19 17.49
CA LYS A 373 21.96 0.80 17.02
C LYS A 373 22.06 -0.71 16.98
N LEU A 374 22.68 -1.23 15.91
CA LEU A 374 22.86 -2.68 15.79
C LEU A 374 23.59 -3.24 17.00
N ASP A 375 24.55 -2.47 17.55
CA ASP A 375 25.29 -2.91 18.74
C ASP A 375 24.38 -3.25 19.91
N ASP A 376 23.23 -2.58 20.01
CA ASP A 376 22.33 -2.76 21.15
C ASP A 376 21.29 -3.83 20.94
N LEU A 377 21.20 -4.43 19.75
CA LEU A 377 20.27 -5.51 19.52
C LEU A 377 20.82 -6.79 20.11
N GLU A 378 19.95 -7.57 20.76
CA GLU A 378 20.38 -8.83 21.35
C GLU A 378 20.89 -9.77 20.27
N PRO A 379 21.86 -10.63 20.61
CA PRO A 379 22.39 -11.60 19.64
C PRO A 379 21.32 -12.39 18.90
N ASN A 380 20.27 -12.83 19.58
CA ASN A 380 19.26 -13.64 18.91
C ASN A 380 18.51 -12.88 17.82
N VAL A 381 18.32 -11.56 18.00
CA VAL A 381 17.72 -10.75 16.93
C VAL A 381 18.62 -10.73 15.72
N ARG A 382 19.91 -10.50 15.94
CA ARG A 382 20.83 -10.39 14.82
C ARG A 382 21.00 -11.72 14.11
N GLU A 383 20.89 -12.83 14.84
CA GLU A 383 20.90 -14.15 14.20
C GLU A 383 19.70 -14.34 13.30
N TYR A 384 18.51 -13.91 13.75
CA TYR A 384 17.30 -13.96 12.93
C TYR A 384 17.47 -13.14 11.67
N ILE A 385 17.97 -11.91 11.82
CA ILE A 385 18.22 -11.03 10.68
C ILE A 385 19.17 -11.70 9.68
N ARG A 386 20.27 -12.28 10.18
CA ARG A 386 21.25 -12.92 9.30
C ARG A 386 20.61 -14.03 8.48
N PHE A 387 19.76 -14.84 9.12
CA PHE A 387 19.09 -15.94 8.43
C PHE A 387 18.22 -15.43 7.30
N ILE A 388 17.40 -14.40 7.57
CA ILE A 388 16.52 -13.86 6.53
C ILE A 388 17.35 -13.37 5.35
N GLU A 389 18.42 -12.61 5.64
CA GLU A 389 19.26 -12.09 4.56
C GLU A 389 19.86 -13.21 3.72
N LYS A 390 20.33 -14.27 4.37
CA LYS A 390 20.97 -15.37 3.66
C LYS A 390 19.97 -16.10 2.77
N GLU A 391 18.79 -16.40 3.31
CA GLU A 391 17.79 -17.15 2.55
C GLU A 391 17.26 -16.36 1.37
N VAL A 392 17.00 -15.06 1.57
CA VAL A 392 16.42 -14.22 0.52
C VAL A 392 17.49 -13.66 -0.42
N GLY A 393 18.72 -13.51 0.03
CA GLY A 393 19.78 -13.01 -0.83
C GLY A 393 19.78 -11.51 -1.01
N VAL A 394 19.13 -10.77 -0.10
CA VAL A 394 19.06 -9.33 -0.16
C VAL A 394 19.43 -8.79 1.21
N LYS A 395 20.30 -7.80 1.26
CA LYS A 395 20.75 -7.24 2.52
C LYS A 395 19.63 -6.44 3.19
N ILE A 396 19.48 -6.65 4.50
CA ILE A 396 18.55 -5.86 5.31
C ILE A 396 19.28 -4.59 5.72
N ARG A 397 18.81 -3.45 5.22
CA ARG A 397 19.47 -2.17 5.41
C ARG A 397 18.76 -1.25 6.38
N LEU A 398 17.50 -1.52 6.69
CA LEU A 398 16.74 -0.74 7.64
C LEU A 398 16.07 -1.71 8.59
N ILE A 399 16.13 -1.41 9.88
CA ILE A 399 15.50 -2.23 10.91
C ILE A 399 14.68 -1.30 11.79
N SER A 400 13.38 -1.59 11.91
CA SER A 400 12.46 -0.77 12.69
C SER A 400 12.13 -1.47 14.00
N THR A 401 12.18 -0.70 15.10
CA THR A 401 11.97 -1.26 16.43
C THR A 401 10.86 -0.56 17.21
N SER A 402 10.09 0.30 16.56
CA SER A 402 8.87 0.88 17.14
C SER A 402 8.18 1.67 16.04
N PRO A 403 6.95 2.15 16.26
CA PRO A 403 6.29 2.97 15.22
C PRO A 403 6.98 4.29 14.95
N GLU A 404 7.80 4.78 15.87
CA GLU A 404 8.36 6.12 15.77
C GLU A 404 9.38 6.20 14.63
N ARG A 405 9.37 7.34 13.93
CA ARG A 405 10.31 7.58 12.84
C ARG A 405 11.75 7.28 13.23
N GLU A 406 12.17 7.78 14.39
CA GLU A 406 13.58 7.69 14.77
C GLU A 406 13.99 6.35 15.35
N ASP A 407 13.03 5.44 15.62
CA ASP A 407 13.35 4.10 16.13
C ASP A 407 13.63 3.17 14.95
N THR A 408 14.73 3.47 14.27
CA THR A 408 15.10 2.82 13.03
C THR A 408 16.61 2.73 12.98
N ILE A 409 17.12 1.56 12.62
CA ILE A 409 18.55 1.34 12.45
C ILE A 409 18.84 1.37 10.96
N PHE A 410 19.82 2.18 10.58
CA PHE A 410 20.28 2.29 9.20
C PHE A 410 21.63 1.58 9.07
N LEU A 411 21.74 0.70 8.08
CA LEU A 411 23.02 0.05 7.80
C LEU A 411 23.54 0.44 6.43
#